data_7XUC
#
_entry.id   7XUC
#
_cell.length_a   56.572
_cell.length_b   77.620
_cell.length_c   66.573
_cell.angle_alpha   90.000
_cell.angle_beta   90.645
_cell.angle_gamma   90.000
#
_symmetry.space_group_name_H-M   'P 1 21 1'
#
loop_
_entity.id
_entity.type
_entity.pdbx_description
1 polymer 'Histone-lysine N-methyltransferase EHMT2'
2 non-polymer 'ZINC ION'
3 non-polymer SINEFUNGIN
4 non-polymer 3,6,6-trimethyl-4-oxidanylidene-~{N}-[(2~{S})-1-oxidanylidene-1-phenylazanyl-hexan-2-yl]-5,7-dihydro-1~{H}-indole-2-carboxamide
5 non-polymer 1,2-ETHANEDIOL
6 non-polymer 'CHLORIDE ION'
7 water water
#
_entity_poly.entity_id   1
_entity_poly.type   'polypeptide(L)'
_entity_poly.pdbx_seq_one_letter_code
;GSNRAIRTEKIICRDVARGYENVPIPCVNGVDGEPCPEDYKYISENCETSTMNIDRNITHLQHCTCVDDCSSSNCLCGQL
SIRCWYDKDGRLLQEFNKIEPPLIFECNQACSCWRNCKNRVVQSGIKVRLQLYRTAKMGWGVRALQTIPQGTFICEYVGE
LISDAEADVREDDSYLFDLDNKDGEVYCIDARYYGNISRFINHLCDPNIIPVRVFMLHQDLRFPRIAFFSSRDIRTGEEL
GFDYGDRFWDIKSKYFTCQCGSEKCKHSAEAIALEQSRLARLD
;
_entity_poly.pdbx_strand_id   A,B
#
# COMPACT_ATOMS: atom_id res chain seq x y z
N ILE A 6 5.87 -7.70 44.70
CA ILE A 6 5.28 -6.64 43.89
C ILE A 6 5.97 -6.54 42.54
N ARG A 7 5.23 -6.81 41.48
CA ARG A 7 5.83 -6.87 40.15
C ARG A 7 5.79 -5.50 39.49
N THR A 8 6.89 -5.12 38.88
CA THR A 8 6.97 -3.87 38.15
C THR A 8 7.00 -4.17 36.66
N GLU A 9 6.77 -3.12 35.87
CA GLU A 9 6.47 -3.28 34.46
C GLU A 9 7.75 -3.36 33.64
N LYS A 10 7.82 -4.37 32.78
CA LYS A 10 8.93 -4.54 31.86
C LYS A 10 8.45 -4.21 30.46
N ILE A 11 9.31 -3.53 29.68
CA ILE A 11 9.09 -3.37 28.25
C ILE A 11 9.69 -4.59 27.57
N ILE A 12 8.85 -5.39 26.93
CA ILE A 12 9.29 -6.67 26.39
C ILE A 12 9.34 -6.68 24.87
N CYS A 13 8.90 -5.61 24.21
CA CYS A 13 9.08 -5.45 22.77
C CYS A 13 8.95 -3.97 22.47
N ARG A 14 9.92 -3.41 21.74
CA ARG A 14 9.81 -1.98 21.45
C ARG A 14 8.81 -1.69 20.32
N ASP A 15 8.48 -2.68 19.48
CA ASP A 15 7.51 -2.44 18.41
C ASP A 15 7.05 -3.79 17.89
N VAL A 16 5.83 -4.19 18.28
CA VAL A 16 5.32 -5.47 17.79
C VAL A 16 5.08 -5.45 16.29
N ALA A 17 5.02 -4.26 15.70
CA ALA A 17 4.78 -4.13 14.28
C ALA A 17 6.07 -4.11 13.44
N ARG A 18 7.25 -4.22 14.09
CA ARG A 18 8.54 -4.30 13.37
C ARG A 18 8.69 -3.17 12.36
N GLY A 19 8.25 -1.97 12.72
CA GLY A 19 8.41 -0.81 11.89
C GLY A 19 7.42 -0.65 10.76
N TYR A 20 6.40 -1.52 10.66
CA TYR A 20 5.46 -1.44 9.55
C TYR A 20 4.38 -0.37 9.73
N GLU A 21 4.15 0.11 10.95
CA GLU A 21 3.17 1.17 11.16
C GLU A 21 3.86 2.52 11.15
N ASN A 22 3.04 3.58 11.18
CA ASN A 22 3.59 4.94 11.20
C ASN A 22 4.33 5.20 12.49
N VAL A 23 3.93 4.52 13.57
CA VAL A 23 4.49 4.71 14.90
C VAL A 23 4.81 3.33 15.47
N PRO A 24 5.73 3.26 16.43
CA PRO A 24 5.96 1.98 17.10
C PRO A 24 4.81 1.63 18.03
N ILE A 25 4.60 0.33 18.23
CA ILE A 25 3.60 -0.16 19.17
C ILE A 25 4.29 -1.06 20.16
N PRO A 26 4.75 -0.54 21.30
CA PRO A 26 5.49 -1.35 22.26
C PRO A 26 4.57 -2.30 23.02
N CYS A 27 5.18 -3.33 23.58
CA CYS A 27 4.50 -4.29 24.43
C CYS A 27 5.14 -4.26 25.81
N VAL A 28 4.31 -4.17 26.87
CA VAL A 28 4.80 -4.20 28.24
C VAL A 28 4.01 -5.20 29.07
N ASN A 29 4.60 -5.63 30.17
CA ASN A 29 3.95 -6.57 31.07
C ASN A 29 4.39 -6.24 32.50
N GLY A 30 3.45 -5.78 33.31
CA GLY A 30 3.70 -5.59 34.72
C GLY A 30 2.82 -6.48 35.59
N VAL A 31 2.27 -7.56 35.01
CA VAL A 31 1.28 -8.38 35.69
C VAL A 31 1.78 -9.80 35.94
N ASP A 32 2.44 -10.40 34.96
CA ASP A 32 2.86 -11.80 35.11
C ASP A 32 4.12 -12.02 34.29
N GLY A 33 4.48 -13.28 34.09
CA GLY A 33 5.64 -13.62 33.28
C GLY A 33 5.35 -13.95 31.84
N GLU A 34 4.16 -13.63 31.33
CA GLU A 34 3.84 -13.95 29.96
C GLU A 34 4.77 -13.19 29.02
N PRO A 35 5.44 -13.86 28.09
CA PRO A 35 6.34 -13.17 27.16
C PRO A 35 5.56 -12.47 26.06
N CYS A 36 6.28 -11.67 25.30
CA CYS A 36 5.70 -10.98 24.16
C CYS A 36 4.99 -12.00 23.25
N PRO A 37 3.73 -11.78 22.91
CA PRO A 37 3.01 -12.80 22.13
C PRO A 37 3.66 -13.01 20.78
N GLU A 38 3.93 -14.28 20.46
CA GLU A 38 4.59 -14.63 19.22
C GLU A 38 3.89 -15.78 18.49
N ASP A 39 2.70 -16.18 18.95
CA ASP A 39 1.92 -17.23 18.30
CA ASP A 39 1.94 -17.25 18.27
C ASP A 39 1.03 -16.69 17.19
N TYR A 40 1.55 -15.75 16.41
CA TYR A 40 0.86 -15.15 15.28
C TYR A 40 1.93 -14.41 14.49
N LYS A 41 1.58 -14.02 13.27
CA LYS A 41 2.47 -13.21 12.45
C LYS A 41 1.87 -11.80 12.36
N TYR A 42 2.61 -10.80 12.82
CA TYR A 42 2.12 -9.42 12.71
C TYR A 42 2.18 -8.97 11.25
N ILE A 43 1.05 -8.51 10.73
CA ILE A 43 0.97 -7.91 9.40
C ILE A 43 0.23 -6.60 9.54
N SER A 44 0.68 -5.59 8.80
CA SER A 44 0.06 -4.27 8.90
C SER A 44 -1.11 -4.09 7.94
N GLU A 45 -1.27 -4.96 6.95
CA GLU A 45 -2.39 -4.91 6.02
C GLU A 45 -2.92 -6.32 5.80
N ASN A 46 -4.19 -6.41 5.38
CA ASN A 46 -4.84 -7.72 5.27
C ASN A 46 -4.06 -8.64 4.33
N CYS A 47 -4.13 -9.93 4.61
CA CYS A 47 -3.49 -10.90 3.72
C CYS A 47 -4.51 -11.93 3.23
N GLU A 48 -4.07 -12.71 2.25
CA GLU A 48 -4.75 -13.89 1.76
C GLU A 48 -3.83 -15.10 1.87
N THR A 49 -4.39 -16.26 2.16
CA THR A 49 -3.66 -17.52 2.02
C THR A 49 -4.20 -18.38 0.89
N SER A 50 -5.38 -18.07 0.39
CA SER A 50 -5.85 -18.53 -0.91
C SER A 50 -6.63 -17.36 -1.49
N THR A 51 -6.74 -17.30 -2.81
CA THR A 51 -7.17 -16.04 -3.41
C THR A 51 -8.67 -15.79 -3.19
N MET A 52 -8.99 -14.55 -2.89
CA MET A 52 -10.37 -14.09 -2.76
C MET A 52 -10.88 -13.48 -4.07
N ASN A 53 -10.02 -13.35 -5.06
CA ASN A 53 -10.37 -12.70 -6.33
C ASN A 53 -11.00 -11.33 -6.09
N ILE A 54 -10.32 -10.51 -5.29
CA ILE A 54 -10.79 -9.14 -5.05
C ILE A 54 -10.78 -8.34 -6.34
N ASP A 55 -11.88 -7.67 -6.62
CA ASP A 55 -11.99 -6.84 -7.83
C ASP A 55 -11.12 -5.60 -7.66
N ARG A 56 -9.98 -5.55 -8.36
CA ARG A 56 -9.07 -4.43 -8.31
C ARG A 56 -9.00 -3.69 -9.64
N ASN A 57 -9.98 -3.87 -10.50
CA ASN A 57 -10.01 -3.20 -11.79
C ASN A 57 -10.19 -1.69 -11.58
N ILE A 58 -9.21 -0.89 -11.99
CA ILE A 58 -9.24 0.54 -11.68
C ILE A 58 -10.45 1.20 -12.33
N THR A 59 -10.95 0.64 -13.44
CA THR A 59 -12.10 1.26 -14.10
C THR A 59 -13.40 1.00 -13.36
N HIS A 60 -13.42 0.11 -12.37
CA HIS A 60 -14.62 -0.11 -11.60
C HIS A 60 -14.76 0.83 -10.41
N LEU A 61 -13.74 1.64 -10.12
CA LEU A 61 -13.79 2.55 -8.98
C LEU A 61 -14.69 3.74 -9.27
N GLN A 62 -15.63 4.00 -8.35
CA GLN A 62 -16.23 5.32 -8.33
C GLN A 62 -15.21 6.30 -7.76
N HIS A 63 -15.20 7.51 -8.30
CA HIS A 63 -14.10 8.42 -7.97
C HIS A 63 -14.57 9.84 -8.22
N CYS A 64 -13.91 10.79 -7.56
CA CYS A 64 -14.34 12.18 -7.60
C CYS A 64 -13.51 12.99 -8.59
N THR A 65 -14.01 14.19 -8.89
CA THR A 65 -13.36 15.14 -9.81
C THR A 65 -12.81 16.36 -9.10
N CYS A 66 -12.73 16.34 -7.78
CA CYS A 66 -12.26 17.49 -7.01
C CYS A 66 -10.79 17.81 -7.30
N VAL A 67 -10.46 19.10 -7.31
CA VAL A 67 -9.07 19.51 -7.26
C VAL A 67 -8.78 20.37 -6.04
N ASP A 68 -9.74 20.51 -5.12
CA ASP A 68 -9.47 21.11 -3.82
C ASP A 68 -9.10 20.00 -2.84
N ASP A 69 -9.42 20.18 -1.57
CA ASP A 69 -9.10 19.16 -0.58
C ASP A 69 -10.25 18.18 -0.33
N CYS A 70 -11.26 18.16 -1.21
CA CYS A 70 -12.42 17.27 -1.10
C CYS A 70 -13.27 17.57 0.12
N SER A 71 -13.30 18.83 0.56
CA SER A 71 -14.15 19.21 1.67
C SER A 71 -15.51 19.73 1.22
N SER A 72 -15.77 19.80 -0.09
CA SER A 72 -17.03 20.34 -0.56
C SER A 72 -18.06 19.24 -0.74
N SER A 73 -19.34 19.64 -0.81
CA SER A 73 -20.40 18.66 -1.02
C SER A 73 -20.42 18.12 -2.44
N ASN A 74 -19.57 18.62 -3.33
CA ASN A 74 -19.48 18.12 -4.70
C ASN A 74 -18.65 16.86 -4.80
N CYS A 75 -17.96 16.45 -3.74
CA CYS A 75 -17.10 15.28 -3.82
C CYS A 75 -17.95 14.02 -3.89
N LEU A 76 -17.90 13.33 -5.05
CA LEU A 76 -18.69 12.12 -5.22
C LEU A 76 -18.38 11.10 -4.13
N CYS A 77 -17.11 10.97 -3.76
CA CYS A 77 -16.74 9.96 -2.76
C CYS A 77 -17.42 10.23 -1.43
N GLY A 78 -17.46 11.49 -1.01
CA GLY A 78 -18.24 11.84 0.16
C GLY A 78 -19.73 11.60 -0.02
N GLN A 79 -20.26 11.88 -1.23
CA GLN A 79 -21.66 11.60 -1.48
C GLN A 79 -21.98 10.11 -1.38
N LEU A 80 -21.01 9.25 -1.70
CA LEU A 80 -21.23 7.81 -1.58
C LEU A 80 -21.38 7.36 -0.13
N SER A 81 -21.29 8.28 0.82
N SER A 81 -20.81 8.11 0.80
CA SER A 81 -21.89 8.15 2.14
CA SER A 81 -20.52 7.58 2.13
C SER A 81 -22.66 9.43 2.50
C SER A 81 -21.78 7.68 2.99
N ILE A 82 -23.60 9.84 1.63
N ILE A 82 -22.15 6.56 3.62
CA ILE A 82 -24.35 11.09 1.66
CA ILE A 82 -23.46 6.41 4.23
C ILE A 82 -23.44 12.31 1.85
C ILE A 82 -23.41 6.89 5.68
N ARG A 83 -22.47 12.23 2.75
N ARG A 83 -24.21 7.93 5.97
CA ARG A 83 -21.48 13.30 2.91
CA ARG A 83 -24.48 8.39 7.34
C ARG A 83 -20.20 12.67 3.42
C ARG A 83 -23.20 8.77 8.09
N CYS A 84 -19.11 13.43 3.31
N CYS A 84 -22.15 9.21 7.39
CA CYS A 84 -17.87 13.00 3.95
CA CYS A 84 -20.92 9.60 8.07
C CYS A 84 -18.01 13.17 5.45
C CYS A 84 -20.11 10.53 7.18
N TRP A 85 -17.87 12.08 6.19
N TRP A 85 -19.15 11.21 7.82
CA TRP A 85 -18.04 12.12 7.64
CA TRP A 85 -18.25 12.14 7.14
C TRP A 85 -16.78 12.54 8.37
C TRP A 85 -17.10 12.49 8.08
N TYR A 86 -15.71 12.85 7.63
N TYR A 86 -16.00 12.94 7.49
CA TYR A 86 -14.48 13.37 8.21
CA TYR A 86 -14.83 13.42 8.22
C TYR A 86 -14.56 14.89 8.30
C TYR A 86 -14.87 14.93 8.38
N ASP A 87 -14.30 15.43 9.48
CA ASP A 87 -14.17 16.87 9.64
C ASP A 87 -12.78 17.30 9.19
N LYS A 88 -12.48 18.59 9.37
CA LYS A 88 -11.21 19.11 8.86
C LYS A 88 -10.00 18.55 9.59
N ASP A 89 -10.19 17.90 10.74
CA ASP A 89 -9.10 17.30 11.50
C ASP A 89 -9.00 15.79 11.29
N GLY A 90 -9.78 15.23 10.37
CA GLY A 90 -9.73 13.81 10.13
C GLY A 90 -10.56 12.98 11.09
N ARG A 91 -11.49 13.60 11.79
CA ARG A 91 -12.30 12.88 12.77
C ARG A 91 -13.72 12.71 12.26
N LEU A 92 -14.35 11.60 12.63
CA LEU A 92 -15.76 11.40 12.34
C LEU A 92 -16.59 12.49 13.01
N LEU A 93 -17.63 12.94 12.31
CA LEU A 93 -18.50 13.98 12.85
C LEU A 93 -19.21 13.48 14.10
N GLN A 94 -19.69 14.44 14.92
CA GLN A 94 -20.36 14.08 16.17
C GLN A 94 -21.64 13.30 15.90
N GLU A 95 -22.51 13.83 15.04
CA GLU A 95 -23.78 13.21 14.66
C GLU A 95 -23.60 12.02 13.73
N PHE A 96 -22.37 11.56 13.55
CA PHE A 96 -22.11 10.33 12.82
C PHE A 96 -22.85 9.17 13.48
N ASN A 97 -23.43 8.31 12.64
CA ASN A 97 -24.27 7.21 13.12
C ASN A 97 -23.46 6.20 13.93
N LYS A 98 -23.44 6.37 15.26
CA LYS A 98 -22.74 5.45 16.13
C LYS A 98 -23.65 4.28 16.52
N PRO A 101 -23.92 2.69 11.24
N PRO A 101 -26.07 0.89 9.31
CA PRO A 101 -22.95 3.54 10.53
CA PRO A 101 -24.68 1.10 9.74
C PRO A 101 -22.91 3.24 9.04
C PRO A 101 -23.90 1.99 8.77
N PRO A 102 -22.60 4.25 8.22
N PRO A 102 -22.83 2.60 9.25
CA PRO A 102 -22.59 4.08 6.77
CA PRO A 102 -22.07 3.52 8.40
C PRO A 102 -21.26 3.55 6.25
C PRO A 102 -21.18 2.82 7.40
N LEU A 103 -21.33 2.94 5.07
N LEU A 103 -20.94 3.51 6.29
CA LEU A 103 -20.13 2.54 4.35
CA LEU A 103 -20.04 3.03 5.26
C LEU A 103 -19.34 3.79 3.95
C LEU A 103 -19.23 4.20 4.74
N ILE A 104 -18.11 3.91 4.42
N ILE A 104 -17.90 4.05 4.68
CA ILE A 104 -17.28 5.07 4.12
CA ILE A 104 -17.00 5.10 4.22
C ILE A 104 -16.45 4.77 2.87
C ILE A 104 -16.46 4.72 2.84
N PHE A 105 -16.56 5.64 1.88
CA PHE A 105 -15.82 5.54 0.62
C PHE A 105 -14.75 6.64 0.64
N GLU A 106 -13.51 6.24 0.93
CA GLU A 106 -12.42 7.22 0.86
C GLU A 106 -12.03 7.44 -0.59
N CYS A 107 -11.29 8.51 -0.82
CA CYS A 107 -10.77 8.75 -2.16
C CYS A 107 -9.69 7.73 -2.50
N ASN A 108 -9.44 7.58 -3.80
CA ASN A 108 -8.65 6.46 -4.29
C ASN A 108 -7.78 6.92 -5.46
N GLN A 109 -7.10 5.97 -6.09
CA GLN A 109 -6.13 6.30 -7.13
C GLN A 109 -6.80 6.76 -8.42
N ALA A 110 -8.11 6.58 -8.58
CA ALA A 110 -8.81 7.12 -9.75
C ALA A 110 -9.30 8.55 -9.56
N CYS A 111 -9.38 9.04 -8.33
CA CYS A 111 -9.84 10.40 -8.08
C CYS A 111 -8.83 11.41 -8.61
N SER A 112 -9.33 12.59 -8.96
CA SER A 112 -8.46 13.64 -9.47
C SER A 112 -7.77 14.42 -8.36
N CYS A 113 -8.15 14.22 -7.11
CA CYS A 113 -7.61 14.96 -5.98
C CYS A 113 -6.21 14.46 -5.61
N TRP A 114 -5.56 15.19 -4.70
CA TRP A 114 -4.24 14.81 -4.22
C TRP A 114 -4.33 13.78 -3.08
N ARG A 115 -3.20 13.09 -2.86
CA ARG A 115 -3.13 12.02 -1.87
C ARG A 115 -3.38 12.52 -0.46
N ASN A 116 -3.28 13.83 -0.21
CA ASN A 116 -3.45 14.40 1.12
C ASN A 116 -4.78 15.14 1.26
N CYS A 117 -5.79 14.75 0.49
CA CYS A 117 -7.10 15.37 0.67
C CYS A 117 -7.72 14.93 2.00
N LYS A 118 -8.88 15.52 2.31
CA LYS A 118 -9.56 15.29 3.59
C LYS A 118 -10.29 13.95 3.66
N ASN A 119 -10.30 13.17 2.58
CA ASN A 119 -11.03 11.90 2.57
C ASN A 119 -10.04 10.75 2.42
N ARG A 120 -9.01 10.73 3.30
CA ARG A 120 -7.90 9.77 3.25
C ARG A 120 -7.51 9.25 4.63
N VAL A 121 -8.42 9.29 5.61
CA VAL A 121 -8.00 9.10 7.00
C VAL A 121 -7.51 7.68 7.24
N VAL A 122 -8.32 6.68 6.88
CA VAL A 122 -7.96 5.31 7.19
C VAL A 122 -6.76 4.86 6.36
N GLN A 123 -6.70 5.25 5.09
CA GLN A 123 -5.59 4.81 4.27
C GLN A 123 -4.27 5.46 4.67
N SER A 124 -4.30 6.48 5.52
CA SER A 124 -3.08 7.15 5.98
C SER A 124 -2.49 6.51 7.22
N GLY A 125 -3.18 5.56 7.83
CA GLY A 125 -2.59 4.71 8.84
C GLY A 125 -2.73 5.22 10.25
N ILE A 126 -2.04 4.51 11.16
CA ILE A 126 -2.14 4.79 12.59
C ILE A 126 -1.43 6.09 12.92
N LYS A 127 -2.11 6.98 13.65
CA LYS A 127 -1.49 8.20 14.11
C LYS A 127 -1.45 8.35 15.63
N VAL A 128 -2.33 7.66 16.37
CA VAL A 128 -2.29 7.76 17.82
C VAL A 128 -1.28 6.77 18.37
N ARG A 129 -0.81 7.06 19.58
CA ARG A 129 0.15 6.19 20.27
C ARG A 129 -0.60 5.17 21.11
N LEU A 130 -0.38 3.87 20.83
CA LEU A 130 -1.02 2.75 21.48
C LEU A 130 0.02 1.88 22.16
N GLN A 131 -0.42 1.09 23.13
CA GLN A 131 0.47 0.16 23.80
C GLN A 131 -0.23 -1.18 23.98
N LEU A 132 0.47 -2.26 23.63
CA LEU A 132 0.04 -3.61 23.98
C LEU A 132 0.50 -3.89 25.40
N TYR A 133 -0.41 -4.26 26.29
CA TYR A 133 -0.05 -4.43 27.69
C TYR A 133 -0.81 -5.60 28.29
N ARG A 134 -0.27 -6.12 29.39
CA ARG A 134 -0.87 -7.27 30.06
C ARG A 134 -1.92 -6.76 31.04
N THR A 135 -3.17 -7.17 30.83
CA THR A 135 -4.25 -6.82 31.73
C THR A 135 -4.29 -7.76 32.92
N ALA A 136 -5.08 -7.37 33.93
CA ALA A 136 -5.19 -8.18 35.13
C ALA A 136 -5.97 -9.47 34.87
N LYS A 137 -6.99 -9.42 34.02
CA LYS A 137 -7.95 -10.51 33.93
C LYS A 137 -8.36 -10.89 32.51
N MET A 138 -7.91 -10.16 31.50
CA MET A 138 -8.37 -10.40 30.13
C MET A 138 -7.21 -10.65 29.18
N GLY A 139 -6.10 -11.18 29.69
CA GLY A 139 -4.99 -11.48 28.80
C GLY A 139 -4.31 -10.19 28.34
N TRP A 140 -3.86 -10.19 27.10
CA TRP A 140 -3.32 -8.97 26.51
C TRP A 140 -4.46 -8.03 26.15
N GLY A 141 -4.17 -6.73 26.25
CA GLY A 141 -5.10 -5.70 25.82
C GLY A 141 -4.33 -4.55 25.19
N VAL A 142 -5.08 -3.56 24.69
CA VAL A 142 -4.47 -2.41 24.05
C VAL A 142 -4.95 -1.16 24.77
N ARG A 143 -4.04 -0.26 25.13
CA ARG A 143 -4.45 0.97 25.80
C ARG A 143 -3.85 2.19 25.13
N ALA A 144 -4.47 3.34 25.40
CA ALA A 144 -4.03 4.60 24.82
C ALA A 144 -2.82 5.13 25.58
N LEU A 145 -1.86 5.70 24.85
CA LEU A 145 -0.73 6.40 25.45
C LEU A 145 -0.90 7.91 25.40
N GLN A 146 -2.08 8.38 25.01
CA GLN A 146 -2.32 9.80 24.82
C GLN A 146 -3.81 10.05 24.91
N THR A 147 -4.18 11.32 25.03
CA THR A 147 -5.58 11.69 24.85
C THR A 147 -5.97 11.46 23.40
N ILE A 148 -7.11 10.82 23.19
CA ILE A 148 -7.64 10.56 21.86
C ILE A 148 -9.01 11.21 21.77
N PRO A 149 -9.16 12.32 21.02
CA PRO A 149 -10.48 12.95 20.91
C PRO A 149 -11.48 12.02 20.24
N GLN A 150 -12.76 12.21 20.59
CA GLN A 150 -13.84 11.49 19.94
C GLN A 150 -13.74 11.60 18.43
N GLY A 151 -13.98 10.48 17.74
CA GLY A 151 -14.00 10.46 16.29
C GLY A 151 -12.67 10.21 15.63
N THR A 152 -11.62 10.00 16.42
CA THR A 152 -10.28 9.81 15.88
C THR A 152 -10.09 8.39 15.38
N PHE A 153 -9.48 8.24 14.20
CA PHE A 153 -9.11 6.91 13.72
C PHE A 153 -8.08 6.30 14.64
N ILE A 154 -8.29 5.04 15.01
CA ILE A 154 -7.39 4.32 15.93
C ILE A 154 -6.52 3.35 15.18
N CYS A 155 -7.12 2.35 14.56
CA CYS A 155 -6.40 1.32 13.83
C CYS A 155 -7.42 0.51 13.05
N GLU A 156 -6.91 -0.32 12.14
CA GLU A 156 -7.72 -1.20 11.31
C GLU A 156 -7.74 -2.61 11.90
N TYR A 157 -8.87 -3.30 11.73
CA TYR A 157 -8.90 -4.73 12.07
C TYR A 157 -8.29 -5.48 10.89
N VAL A 158 -7.04 -5.92 11.05
CA VAL A 158 -6.26 -6.56 9.99
C VAL A 158 -6.10 -8.05 10.29
N GLY A 159 -6.23 -8.85 9.25
CA GLY A 159 -5.98 -10.28 9.37
C GLY A 159 -6.06 -10.98 8.04
N GLU A 160 -6.38 -12.27 8.09
CA GLU A 160 -6.42 -13.13 6.93
C GLU A 160 -7.84 -13.16 6.40
N LEU A 161 -8.03 -12.79 5.12
CA LEU A 161 -9.34 -12.82 4.49
C LEU A 161 -9.73 -14.26 4.17
N ILE A 162 -10.89 -14.71 4.68
CA ILE A 162 -11.32 -16.08 4.45
C ILE A 162 -12.81 -16.11 4.16
N SER A 163 -13.23 -17.17 3.48
CA SER A 163 -14.63 -17.39 3.18
C SER A 163 -15.38 -17.80 4.44
N ASP A 164 -16.70 -17.70 4.36
CA ASP A 164 -17.55 -18.13 5.46
C ASP A 164 -17.39 -19.62 5.72
N ALA A 165 -17.30 -20.42 4.66
CA ALA A 165 -17.10 -21.86 4.83
C ALA A 165 -15.79 -22.17 5.53
N GLU A 166 -14.72 -21.45 5.19
CA GLU A 166 -13.43 -21.66 5.84
C GLU A 166 -13.48 -21.25 7.30
N ALA A 167 -14.18 -20.16 7.61
CA ALA A 167 -14.31 -19.75 9.01
C ALA A 167 -15.03 -20.82 9.84
N ASP A 168 -15.94 -21.57 9.23
CA ASP A 168 -16.71 -22.57 9.96
C ASP A 168 -15.82 -23.72 10.44
N VAL A 169 -14.82 -24.09 9.65
CA VAL A 169 -14.00 -25.26 9.97
C VAL A 169 -12.82 -24.94 10.88
N ARG A 170 -12.64 -23.68 11.26
CA ARG A 170 -11.43 -23.29 11.98
C ARG A 170 -11.56 -23.49 13.48
N GLU A 171 -10.46 -23.95 14.08
CA GLU A 171 -10.47 -24.36 15.49
C GLU A 171 -10.71 -23.16 16.41
N ASP A 172 -9.82 -22.17 16.36
CA ASP A 172 -9.86 -21.04 17.28
C ASP A 172 -10.53 -19.87 16.57
N ASP A 173 -11.71 -19.47 17.05
CA ASP A 173 -12.44 -18.35 16.48
C ASP A 173 -12.38 -17.08 17.35
N SER A 174 -11.44 -17.02 18.31
CA SER A 174 -11.33 -15.89 19.21
C SER A 174 -10.82 -14.63 18.53
N TYR A 175 -10.43 -14.70 17.25
CA TYR A 175 -9.93 -13.55 16.51
C TYR A 175 -10.67 -13.39 15.19
N LEU A 176 -11.89 -13.93 15.11
CA LEU A 176 -12.64 -14.01 13.85
C LEU A 176 -13.64 -12.87 13.77
N PHE A 177 -13.52 -12.03 12.73
CA PHE A 177 -14.37 -10.87 12.57
C PHE A 177 -15.20 -11.05 11.31
N ASP A 178 -16.53 -11.04 11.46
CA ASP A 178 -17.47 -11.21 10.37
C ASP A 178 -17.75 -9.85 9.73
N LEU A 179 -17.57 -9.76 8.40
CA LEU A 179 -17.79 -8.49 7.71
C LEU A 179 -19.27 -8.16 7.53
N ASP A 180 -20.17 -9.12 7.76
CA ASP A 180 -21.62 -8.91 7.84
C ASP A 180 -22.18 -8.33 6.53
N ASN A 181 -21.85 -8.98 5.42
CA ASN A 181 -22.36 -8.59 4.11
C ASN A 181 -23.85 -8.89 4.04
N LYS A 182 -24.68 -7.85 4.17
CA LYS A 182 -26.13 -8.03 4.10
C LYS A 182 -26.59 -8.50 2.74
N ASP A 183 -25.74 -8.41 1.72
CA ASP A 183 -26.15 -8.74 0.35
C ASP A 183 -25.77 -10.16 -0.05
N GLY A 184 -24.55 -10.36 -0.55
CA GLY A 184 -24.19 -11.63 -1.16
C GLY A 184 -23.21 -12.50 -0.39
N GLU A 185 -22.08 -12.82 -1.04
CA GLU A 185 -21.12 -13.76 -0.45
C GLU A 185 -20.54 -13.22 0.85
N VAL A 186 -20.39 -14.12 1.83
CA VAL A 186 -20.01 -13.74 3.19
C VAL A 186 -18.53 -14.08 3.42
N TYR A 187 -17.78 -13.10 3.91
CA TYR A 187 -16.36 -13.25 4.18
C TYR A 187 -16.04 -12.77 5.58
N CYS A 188 -14.89 -13.21 6.08
CA CYS A 188 -14.42 -12.91 7.43
C CYS A 188 -12.97 -12.48 7.38
N ILE A 189 -12.55 -11.74 8.42
CA ILE A 189 -11.14 -11.50 8.69
C ILE A 189 -10.78 -12.33 9.91
N ASP A 190 -9.89 -13.30 9.73
CA ASP A 190 -9.42 -14.12 10.84
C ASP A 190 -8.04 -13.60 11.24
N ALA A 191 -7.95 -13.04 12.44
CA ALA A 191 -6.67 -12.53 12.92
C ALA A 191 -5.91 -13.55 13.77
N ARG A 192 -6.29 -14.83 13.74
CA ARG A 192 -5.63 -15.82 14.59
C ARG A 192 -4.18 -16.05 14.21
N TYR A 193 -3.90 -16.30 12.92
CA TYR A 193 -2.56 -16.64 12.46
C TYR A 193 -1.80 -15.44 11.93
N TYR A 194 -2.50 -14.50 11.30
CA TYR A 194 -1.96 -13.26 10.79
C TYR A 194 -2.84 -12.13 11.29
N GLY A 195 -2.25 -11.12 11.93
CA GLY A 195 -3.07 -10.00 12.37
C GLY A 195 -2.21 -8.82 12.77
N ASN A 196 -2.88 -7.70 13.11
CA ASN A 196 -2.17 -6.53 13.61
C ASN A 196 -2.55 -6.27 15.06
N ILE A 197 -2.33 -5.04 15.54
CA ILE A 197 -2.57 -4.71 16.94
C ILE A 197 -4.03 -4.93 17.32
N SER A 198 -4.96 -4.83 16.36
CA SER A 198 -6.39 -4.94 16.69
CA SER A 198 -6.38 -4.93 16.72
C SER A 198 -6.76 -6.31 17.26
N ARG A 199 -5.99 -7.35 16.92
CA ARG A 199 -6.35 -8.67 17.42
C ARG A 199 -6.30 -8.75 18.94
N PHE A 200 -5.63 -7.80 19.58
CA PHE A 200 -5.49 -7.78 21.04
C PHE A 200 -6.50 -6.86 21.71
N ILE A 201 -7.38 -6.22 20.95
CA ILE A 201 -8.35 -5.31 21.55
C ILE A 201 -9.49 -6.13 22.14
N ASN A 202 -9.74 -5.95 23.43
CA ASN A 202 -10.72 -6.74 24.16
C ASN A 202 -12.12 -6.18 24.01
N HIS A 203 -13.10 -6.98 24.43
CA HIS A 203 -14.47 -6.53 24.54
C HIS A 203 -14.67 -5.68 25.79
N LEU A 204 -15.36 -4.54 25.63
CA LEU A 204 -15.81 -3.75 26.76
C LEU A 204 -17.31 -3.54 26.65
N CYS A 205 -18.03 -3.72 27.77
CA CYS A 205 -19.45 -3.40 27.78
C CYS A 205 -19.67 -1.90 27.80
N ASP A 206 -18.67 -1.13 28.22
CA ASP A 206 -18.68 0.32 28.05
CA ASP A 206 -18.66 0.32 28.06
C ASP A 206 -17.64 0.67 27.00
N PRO A 207 -17.90 0.40 25.72
CA PRO A 207 -16.85 0.54 24.70
C PRO A 207 -16.48 1.99 24.47
N ASN A 208 -15.26 2.18 23.98
CA ASN A 208 -14.81 3.51 23.60
C ASN A 208 -14.33 3.59 22.16
N ILE A 209 -14.42 2.51 21.39
CA ILE A 209 -14.17 2.55 19.95
C ILE A 209 -15.28 1.79 19.24
N ILE A 210 -15.47 2.11 17.95
CA ILE A 210 -16.46 1.43 17.13
C ILE A 210 -15.86 1.03 15.79
N PRO A 211 -16.24 -0.13 15.26
CA PRO A 211 -15.80 -0.52 13.92
C PRO A 211 -16.69 0.10 12.85
N VAL A 212 -16.04 0.56 11.77
CA VAL A 212 -16.72 1.15 10.62
C VAL A 212 -16.19 0.48 9.36
N ARG A 213 -17.09 0.11 8.46
CA ARG A 213 -16.69 -0.46 7.17
C ARG A 213 -16.23 0.64 6.22
N VAL A 214 -15.10 0.40 5.55
CA VAL A 214 -14.45 1.43 4.74
C VAL A 214 -13.94 0.82 3.45
N PHE A 215 -14.03 1.59 2.36
CA PHE A 215 -13.41 1.23 1.09
C PHE A 215 -12.37 2.27 0.70
N MET A 216 -11.24 1.79 0.18
CA MET A 216 -10.11 2.65 -0.17
C MET A 216 -9.60 2.34 -1.58
N LEU A 217 -8.64 1.42 -1.71
CA LEU A 217 -7.99 1.15 -2.99
C LEU A 217 -8.81 0.26 -3.90
N HIS A 218 -9.85 -0.38 -3.39
CA HIS A 218 -10.79 -1.14 -4.20
C HIS A 218 -12.19 -0.89 -3.66
N GLN A 219 -13.19 -1.22 -4.47
CA GLN A 219 -14.57 -1.10 -4.04
C GLN A 219 -15.30 -2.40 -4.31
N ASP A 220 -14.63 -3.51 -4.03
CA ASP A 220 -15.26 -4.82 -4.05
C ASP A 220 -16.09 -4.92 -2.78
N LEU A 221 -17.41 -4.82 -2.91
CA LEU A 221 -18.30 -4.68 -1.75
C LEU A 221 -18.34 -5.91 -0.87
N ARG A 222 -17.79 -7.04 -1.33
CA ARG A 222 -17.66 -8.22 -0.48
C ARG A 222 -16.62 -8.02 0.61
N PHE A 223 -15.70 -7.07 0.44
CA PHE A 223 -14.50 -6.95 1.28
C PHE A 223 -14.32 -5.53 1.83
N PRO A 224 -15.27 -5.04 2.62
CA PRO A 224 -14.99 -3.81 3.37
C PRO A 224 -13.81 -4.04 4.28
N ARG A 225 -13.04 -2.99 4.50
CA ARG A 225 -12.00 -3.01 5.52
C ARG A 225 -12.59 -2.42 6.79
N ILE A 226 -12.09 -2.83 7.94
CA ILE A 226 -12.73 -2.50 9.21
C ILE A 226 -11.85 -1.48 9.94
N ALA A 227 -12.37 -0.28 10.14
CA ALA A 227 -11.62 0.78 10.80
C ALA A 227 -12.25 1.10 12.16
N PHE A 228 -11.42 1.16 13.19
CA PHE A 228 -11.88 1.57 14.52
C PHE A 228 -11.69 3.07 14.71
N PHE A 229 -12.75 3.75 15.15
CA PHE A 229 -12.73 5.15 15.52
C PHE A 229 -13.17 5.28 16.97
N SER A 230 -12.62 6.26 17.68
CA SER A 230 -13.07 6.45 19.05
C SER A 230 -14.48 7.00 19.06
N SER A 231 -15.29 6.52 20.03
CA SER A 231 -16.68 6.94 20.17
C SER A 231 -16.86 8.00 21.26
N ARG A 232 -15.78 8.32 21.97
CA ARG A 232 -15.78 9.39 22.97
C ARG A 232 -14.33 9.83 23.11
N ASP A 233 -14.12 10.91 23.86
CA ASP A 233 -12.76 11.28 24.23
C ASP A 233 -12.18 10.18 25.12
N ILE A 234 -10.97 9.73 24.79
CA ILE A 234 -10.27 8.70 25.55
C ILE A 234 -9.06 9.33 26.22
N ARG A 235 -8.82 8.98 27.48
CA ARG A 235 -7.68 9.51 28.23
C ARG A 235 -6.49 8.54 28.22
N THR A 236 -5.29 9.09 28.41
CA THR A 236 -4.09 8.26 28.51
C THR A 236 -4.31 7.16 29.53
N GLY A 237 -3.92 5.94 29.16
CA GLY A 237 -4.00 4.81 30.05
C GLY A 237 -5.28 4.01 29.95
N GLU A 238 -6.34 4.56 29.36
CA GLU A 238 -7.57 3.79 29.23
C GLU A 238 -7.39 2.63 28.27
N GLU A 239 -7.91 1.47 28.66
CA GLU A 239 -7.96 0.34 27.73
C GLU A 239 -8.95 0.63 26.61
N LEU A 240 -8.54 0.30 25.38
CA LEU A 240 -9.43 0.40 24.24
C LEU A 240 -10.28 -0.85 24.14
N GLY A 241 -11.54 -0.68 23.76
CA GLY A 241 -12.40 -1.83 23.60
C GLY A 241 -13.63 -1.48 22.79
N PHE A 242 -14.14 -2.45 22.05
CA PHE A 242 -15.40 -2.31 21.34
C PHE A 242 -16.35 -3.40 21.81
N ASP A 243 -17.61 -3.23 21.46
CA ASP A 243 -18.63 -4.24 21.76
C ASP A 243 -18.49 -5.36 20.75
N TYR A 244 -18.01 -6.52 21.20
CA TYR A 244 -17.89 -7.68 20.33
C TYR A 244 -19.25 -8.10 19.76
N GLY A 245 -20.33 -7.81 20.49
CA GLY A 245 -21.68 -8.12 20.06
C GLY A 245 -22.23 -9.37 20.70
N ASP A 246 -23.57 -9.49 20.68
CA ASP A 246 -24.22 -10.60 21.37
C ASP A 246 -23.95 -11.93 20.68
N ARG A 247 -23.77 -11.94 19.36
CA ARG A 247 -23.50 -13.20 18.68
C ARG A 247 -22.25 -13.87 19.25
N PHE A 248 -21.19 -13.10 19.45
CA PHE A 248 -20.00 -13.61 20.12
C PHE A 248 -20.32 -14.15 21.50
N TRP A 249 -20.97 -13.34 22.34
CA TRP A 249 -21.17 -13.73 23.73
C TRP A 249 -22.19 -14.86 23.88
N ASP A 250 -23.20 -14.94 23.01
CA ASP A 250 -24.14 -16.06 23.08
C ASP A 250 -23.41 -17.39 22.96
N ILE A 251 -22.31 -17.43 22.22
CA ILE A 251 -21.48 -18.62 22.06
C ILE A 251 -20.43 -18.72 23.16
N LYS A 252 -19.75 -17.62 23.46
CA LYS A 252 -18.57 -17.69 24.31
C LYS A 252 -18.89 -17.72 25.80
N SER A 253 -20.06 -17.20 26.21
CA SER A 253 -20.34 -17.07 27.64
C SER A 253 -20.41 -18.42 28.35
N LYS A 254 -20.64 -19.51 27.63
CA LYS A 254 -20.56 -20.84 28.24
C LYS A 254 -19.16 -21.19 28.70
N TYR A 255 -18.13 -20.56 28.12
CA TYR A 255 -16.74 -20.89 28.38
C TYR A 255 -16.01 -19.87 29.24
N PHE A 256 -16.39 -18.59 29.16
CA PHE A 256 -15.83 -17.58 30.04
C PHE A 256 -16.81 -16.42 30.07
N THR A 257 -16.79 -15.67 31.15
CA THR A 257 -17.69 -14.54 31.29
C THR A 257 -16.91 -13.23 31.20
N CYS A 258 -17.65 -12.14 31.02
CA CYS A 258 -17.02 -10.85 30.78
C CYS A 258 -16.40 -10.31 32.06
N GLN A 259 -15.14 -9.87 31.95
CA GLN A 259 -14.37 -9.33 33.05
C GLN A 259 -14.19 -7.83 32.94
N CYS A 260 -15.01 -7.14 32.15
CA CYS A 260 -14.77 -5.72 31.87
C CYS A 260 -14.97 -4.84 33.10
N GLY A 261 -15.75 -5.29 34.08
CA GLY A 261 -15.90 -4.52 35.30
C GLY A 261 -16.86 -3.35 35.22
N SER A 262 -17.54 -3.15 34.10
CA SER A 262 -18.53 -2.08 34.00
C SER A 262 -19.64 -2.27 35.01
N GLU A 263 -20.14 -1.15 35.55
CA GLU A 263 -21.32 -1.22 36.40
C GLU A 263 -22.53 -1.74 35.65
N LYS A 264 -22.54 -1.64 34.33
CA LYS A 264 -23.62 -2.10 33.47
C LYS A 264 -23.13 -3.22 32.55
N CYS A 265 -22.23 -4.05 33.05
CA CYS A 265 -21.74 -5.19 32.29
C CYS A 265 -22.89 -6.11 31.93
N LYS A 266 -22.94 -6.54 30.68
CA LYS A 266 -24.04 -7.34 30.17
C LYS A 266 -23.73 -8.82 30.09
N HIS A 267 -22.47 -9.23 30.30
CA HIS A 267 -22.05 -10.59 30.01
C HIS A 267 -21.24 -11.19 31.14
N SER A 268 -21.35 -10.66 32.35
CA SER A 268 -20.68 -11.22 33.50
C SER A 268 -21.47 -12.41 34.02
N ALA A 269 -20.82 -13.20 34.89
CA ALA A 269 -21.55 -14.27 35.56
C ALA A 269 -22.75 -13.71 36.30
N GLU A 270 -22.59 -12.53 36.90
CA GLU A 270 -23.71 -11.89 37.60
C GLU A 270 -24.85 -11.58 36.62
N ALA A 271 -24.51 -11.00 35.46
CA ALA A 271 -25.53 -10.67 34.47
C ALA A 271 -26.16 -11.92 33.89
N ILE A 272 -25.35 -12.96 33.66
CA ILE A 272 -25.87 -14.22 33.14
C ILE A 272 -26.84 -14.86 34.11
N ALA A 273 -26.47 -14.88 35.40
CA ALA A 273 -27.34 -15.47 36.41
C ALA A 273 -28.69 -14.74 36.47
N LEU A 274 -28.68 -13.42 36.27
CA LEU A 274 -29.93 -12.66 36.26
C LEU A 274 -30.79 -13.02 35.05
N GLU A 275 -30.16 -13.12 33.87
CA GLU A 275 -30.91 -13.46 32.67
C GLU A 275 -31.47 -14.87 32.74
N GLN A 276 -30.70 -15.82 33.27
CA GLN A 276 -31.20 -17.19 33.38
C GLN A 276 -32.37 -17.28 34.35
N SER A 277 -32.40 -16.44 35.38
CA SER A 277 -33.51 -16.48 36.33
C SER A 277 -34.74 -15.75 35.78
N ARG A 278 -34.53 -14.69 35.01
CA ARG A 278 -35.67 -14.02 34.38
C ARG A 278 -36.47 -14.99 33.52
N LEU A 279 -35.77 -15.85 32.79
CA LEU A 279 -36.41 -16.90 32.00
C LEU A 279 -36.83 -18.07 32.88
N ARG B 7 13.09 33.12 -23.67
CA ARG B 7 11.88 32.52 -23.13
C ARG B 7 12.06 32.09 -21.67
N THR B 8 11.07 32.43 -20.84
CA THR B 8 11.13 32.10 -19.42
C THR B 8 10.64 30.68 -19.18
N GLU B 9 11.41 29.91 -18.43
CA GLU B 9 11.04 28.55 -18.07
C GLU B 9 10.01 28.61 -16.95
N LYS B 10 8.75 28.35 -17.28
CA LYS B 10 7.65 28.51 -16.34
C LYS B 10 7.28 27.18 -15.69
N ILE B 11 7.01 27.25 -14.39
CA ILE B 11 6.56 26.11 -13.60
C ILE B 11 5.06 25.94 -13.83
N ILE B 12 4.67 24.82 -14.42
CA ILE B 12 3.27 24.65 -14.83
C ILE B 12 2.54 23.60 -14.02
N CYS B 13 3.23 22.82 -13.20
CA CYS B 13 2.59 21.93 -12.24
C CYS B 13 3.52 21.76 -11.07
N ARG B 14 3.01 21.97 -9.85
CA ARG B 14 3.83 21.79 -8.66
C ARG B 14 4.19 20.33 -8.43
N ASP B 15 3.32 19.41 -8.84
CA ASP B 15 3.55 17.99 -8.62
C ASP B 15 2.65 17.16 -9.49
N VAL B 16 3.18 16.60 -10.59
CA VAL B 16 2.35 15.79 -11.47
C VAL B 16 1.85 14.52 -10.78
N ALA B 17 2.47 14.14 -9.67
CA ALA B 17 2.07 12.94 -8.94
C ALA B 17 1.00 13.19 -7.90
N ARG B 18 0.56 14.44 -7.73
CA ARG B 18 -0.55 14.77 -6.84
C ARG B 18 -0.29 14.26 -5.41
N GLY B 19 0.96 14.35 -4.98
CA GLY B 19 1.32 13.95 -3.63
C GLY B 19 1.41 12.47 -3.39
N TYR B 20 1.39 11.64 -4.44
CA TYR B 20 1.45 10.19 -4.22
C TYR B 20 2.88 9.67 -4.05
N GLU B 21 3.90 10.42 -4.43
CA GLU B 21 5.27 9.97 -4.22
C GLU B 21 5.82 10.59 -2.93
N ASN B 22 6.99 10.08 -2.51
CA ASN B 22 7.64 10.62 -1.31
C ASN B 22 8.00 12.09 -1.48
N VAL B 23 8.22 12.52 -2.72
CA VAL B 23 8.63 13.88 -3.04
C VAL B 23 7.79 14.35 -4.22
N PRO B 24 7.64 15.67 -4.36
CA PRO B 24 6.92 16.18 -5.54
C PRO B 24 7.75 16.04 -6.79
N ILE B 25 7.05 15.97 -7.92
CA ILE B 25 7.70 15.94 -9.23
C ILE B 25 7.09 17.09 -10.03
N PRO B 26 7.68 18.27 -9.99
CA PRO B 26 7.11 19.41 -10.70
C PRO B 26 7.37 19.31 -12.20
N CYS B 27 6.61 20.12 -12.95
CA CYS B 27 6.71 20.18 -14.40
C CYS B 27 7.03 21.60 -14.82
N VAL B 28 8.01 21.77 -15.70
CA VAL B 28 8.35 23.07 -16.26
C VAL B 28 8.45 22.96 -17.78
N ASN B 29 8.33 24.10 -18.44
CA ASN B 29 8.47 24.14 -19.90
C ASN B 29 9.12 25.47 -20.24
N GLY B 30 10.39 25.42 -20.62
CA GLY B 30 11.07 26.61 -21.09
C GLY B 30 11.37 26.56 -22.57
N VAL B 31 10.67 25.70 -23.31
CA VAL B 31 10.95 25.47 -24.72
C VAL B 31 9.82 25.99 -25.61
N ASP B 32 8.58 25.66 -25.30
CA ASP B 32 7.48 25.98 -26.21
C ASP B 32 6.19 26.17 -25.41
N GLY B 33 5.07 26.26 -26.11
CA GLY B 33 3.78 26.52 -25.50
C GLY B 33 3.00 25.29 -25.11
N GLU B 34 3.62 24.11 -25.15
CA GLU B 34 2.88 22.89 -24.87
C GLU B 34 2.38 22.91 -23.42
N PRO B 35 1.11 22.61 -23.19
CA PRO B 35 0.59 22.57 -21.82
C PRO B 35 1.05 21.31 -21.08
N CYS B 36 0.90 21.36 -19.77
CA CYS B 36 1.24 20.20 -18.94
C CYS B 36 0.50 18.96 -19.47
N PRO B 37 1.18 17.83 -19.66
CA PRO B 37 0.51 16.67 -20.25
C PRO B 37 -0.61 16.14 -19.38
N GLU B 38 -1.76 15.87 -20.00
CA GLU B 38 -2.93 15.40 -19.26
C GLU B 38 -3.70 14.32 -20.02
N ASP B 39 -3.12 13.75 -21.08
N ASP B 39 -3.14 13.79 -21.10
CA ASP B 39 -3.77 12.71 -21.85
CA ASP B 39 -3.77 12.68 -21.83
C ASP B 39 -3.63 11.33 -21.19
C ASP B 39 -3.35 11.35 -21.24
N TYR B 40 -3.26 11.29 -19.92
CA TYR B 40 -3.00 10.06 -19.21
C TYR B 40 -3.45 10.29 -17.77
N LYS B 41 -3.53 9.22 -17.00
CA LYS B 41 -3.84 9.29 -15.58
C LYS B 41 -2.60 8.92 -14.79
N TYR B 42 -2.08 9.85 -13.98
CA TYR B 42 -0.92 9.53 -13.15
C TYR B 42 -1.32 8.57 -12.04
N ILE B 43 -0.66 7.41 -11.99
CA ILE B 43 -0.81 6.45 -10.91
C ILE B 43 0.58 6.12 -10.39
N SER B 44 0.70 5.97 -9.07
CA SER B 44 2.02 5.69 -8.51
C SER B 44 2.33 4.20 -8.41
N GLU B 45 1.32 3.33 -8.55
CA GLU B 45 1.52 1.88 -8.53
C GLU B 45 0.74 1.26 -9.69
N ASN B 46 1.19 0.09 -10.14
CA ASN B 46 0.58 -0.54 -11.31
C ASN B 46 -0.91 -0.78 -11.09
N CYS B 47 -1.67 -0.71 -12.19
CA CYS B 47 -3.10 -0.96 -12.14
C CYS B 47 -3.47 -2.07 -13.11
N GLU B 48 -4.71 -2.53 -13.00
CA GLU B 48 -5.25 -3.46 -13.99
C GLU B 48 -6.61 -2.99 -14.47
N THR B 49 -6.89 -3.17 -15.75
CA THR B 49 -8.21 -2.88 -16.31
C THR B 49 -8.93 -4.13 -16.80
N SER B 50 -8.37 -5.31 -16.52
CA SER B 50 -9.03 -6.58 -16.69
C SER B 50 -8.59 -7.46 -15.52
N THR B 51 -9.07 -8.70 -15.48
CA THR B 51 -8.74 -9.56 -14.34
C THR B 51 -7.29 -10.02 -14.47
N MET B 52 -6.42 -9.47 -13.65
CA MET B 52 -5.09 -10.04 -13.44
C MET B 52 -5.03 -10.86 -12.15
N ASN B 53 -5.67 -10.37 -11.10
CA ASN B 53 -5.71 -11.06 -9.80
C ASN B 53 -4.33 -11.56 -9.41
N ILE B 54 -3.47 -10.59 -9.09
CA ILE B 54 -2.10 -10.92 -8.70
C ILE B 54 -2.09 -11.88 -7.52
N ASP B 55 -1.21 -12.87 -7.59
CA ASP B 55 -1.09 -13.85 -6.51
C ASP B 55 -0.36 -13.19 -5.36
N ARG B 56 -1.10 -12.82 -4.31
CA ARG B 56 -0.52 -12.21 -3.13
C ARG B 56 -0.56 -13.13 -1.92
N ASN B 57 -0.87 -14.42 -2.12
CA ASN B 57 -0.93 -15.36 -1.01
CA ASN B 57 -0.90 -15.42 -1.05
C ASN B 57 0.35 -15.29 -0.19
N ILE B 58 0.19 -14.92 1.09
CA ILE B 58 1.35 -14.69 1.94
C ILE B 58 2.13 -15.99 2.15
N THR B 59 1.49 -17.15 2.01
CA THR B 59 2.23 -18.41 2.11
C THR B 59 2.92 -18.79 0.79
N HIS B 60 2.80 -17.99 -0.26
CA HIS B 60 3.55 -18.23 -1.48
C HIS B 60 4.83 -17.42 -1.53
N LEU B 61 5.10 -16.62 -0.49
CA LEU B 61 6.27 -15.77 -0.46
C LEU B 61 7.45 -16.54 0.10
N GLN B 62 8.53 -16.62 -0.68
CA GLN B 62 9.80 -16.98 -0.07
C GLN B 62 10.24 -15.81 0.80
N HIS B 63 10.84 -16.12 1.95
CA HIS B 63 11.10 -15.07 2.91
C HIS B 63 12.25 -15.51 3.82
N CYS B 64 12.84 -14.53 4.50
CA CYS B 64 14.00 -14.79 5.35
C CYS B 64 13.60 -14.87 6.82
N THR B 65 14.55 -15.37 7.62
CA THR B 65 14.41 -15.51 9.06
C THR B 65 15.37 -14.63 9.84
N CYS B 66 16.01 -13.66 9.17
CA CYS B 66 17.05 -12.84 9.80
C CYS B 66 16.52 -12.13 11.04
N VAL B 67 17.37 -12.06 12.07
CA VAL B 67 17.11 -11.25 13.25
C VAL B 67 17.98 -10.01 13.28
N ASP B 68 18.70 -9.72 12.19
CA ASP B 68 19.48 -8.50 12.07
C ASP B 68 18.78 -7.59 11.06
N ASP B 69 19.56 -6.77 10.36
CA ASP B 69 19.06 -5.87 9.35
C ASP B 69 19.19 -6.43 7.94
N CYS B 70 19.37 -7.74 7.80
CA CYS B 70 19.48 -8.39 6.49
C CYS B 70 20.69 -7.90 5.70
N SER B 71 21.74 -7.48 6.39
CA SER B 71 23.00 -7.16 5.75
C SER B 71 23.90 -8.37 5.58
N SER B 72 23.53 -9.55 6.11
CA SER B 72 24.42 -10.70 6.01
C SER B 72 24.09 -11.50 4.76
N SER B 73 25.09 -12.21 4.24
CA SER B 73 24.88 -13.07 3.09
C SER B 73 24.03 -14.30 3.42
N ASN B 74 23.66 -14.46 4.69
CA ASN B 74 22.80 -15.56 5.09
C ASN B 74 21.32 -15.25 4.87
N CYS B 75 20.97 -14.00 4.57
CA CYS B 75 19.59 -13.63 4.28
C CYS B 75 19.09 -14.38 3.05
N LEU B 76 18.02 -15.15 3.22
CA LEU B 76 17.51 -15.93 2.07
C LEU B 76 17.12 -15.02 0.92
N CYS B 77 16.52 -13.85 1.23
CA CYS B 77 16.08 -12.96 0.16
C CYS B 77 17.25 -12.45 -0.66
N GLY B 78 18.37 -12.15 -0.02
CA GLY B 78 19.56 -11.77 -0.77
C GLY B 78 20.11 -12.92 -1.60
N GLN B 79 20.02 -14.15 -1.08
CA GLN B 79 20.46 -15.31 -1.85
C GLN B 79 19.57 -15.55 -3.06
N LEU B 80 18.27 -15.24 -2.93
CA LEU B 80 17.37 -15.41 -4.07
C LEU B 80 17.62 -14.37 -5.15
N SER B 81 18.17 -13.22 -4.78
CA SER B 81 18.48 -12.20 -5.76
C SER B 81 19.56 -12.69 -6.72
N ILE B 82 19.37 -12.42 -8.01
CA ILE B 82 20.21 -12.97 -9.07
C ILE B 82 21.19 -11.89 -9.50
N ARG B 83 22.47 -12.09 -9.14
CA ARG B 83 23.59 -11.31 -9.67
C ARG B 83 23.49 -9.83 -9.31
N CYS B 84 22.90 -9.51 -8.16
CA CYS B 84 22.89 -8.13 -7.69
C CYS B 84 22.64 -8.09 -6.19
N TRP B 85 23.00 -6.96 -5.57
CA TRP B 85 22.87 -6.78 -4.13
C TRP B 85 22.94 -5.29 -3.81
N TYR B 86 22.42 -4.95 -2.63
CA TYR B 86 22.41 -3.57 -2.15
C TYR B 86 23.53 -3.37 -1.14
N ASP B 87 24.14 -2.18 -1.16
CA ASP B 87 25.16 -1.83 -0.17
C ASP B 87 24.51 -1.09 0.99
N LYS B 88 25.33 -0.64 1.94
CA LYS B 88 24.81 -0.06 3.18
C LYS B 88 23.97 1.18 2.95
N ASP B 89 24.17 1.87 1.83
CA ASP B 89 23.44 3.09 1.52
C ASP B 89 22.24 2.84 0.62
N GLY B 90 21.92 1.58 0.35
CA GLY B 90 20.80 1.27 -0.51
C GLY B 90 21.08 1.41 -2.00
N ARG B 91 22.34 1.34 -2.41
CA ARG B 91 22.69 1.47 -3.82
C ARG B 91 22.97 0.08 -4.39
N LEU B 92 22.53 -0.13 -5.64
CA LEU B 92 22.53 -1.45 -6.25
C LEU B 92 23.85 -1.75 -6.92
N LEU B 93 24.43 -2.90 -6.62
CA LEU B 93 25.62 -3.39 -7.30
C LEU B 93 25.28 -4.66 -8.10
N GLN B 94 26.04 -4.89 -9.17
CA GLN B 94 25.79 -6.02 -10.05
C GLN B 94 27.09 -6.76 -10.36
N GLU B 95 26.92 -8.03 -10.70
CA GLU B 95 27.98 -8.84 -11.29
C GLU B 95 27.87 -8.78 -12.81
N GLU B 100 22.17 -13.79 -18.38
CA GLU B 100 21.08 -13.78 -17.40
C GLU B 100 20.91 -12.40 -16.77
N PRO B 101 19.77 -11.75 -17.05
CA PRO B 101 19.53 -10.43 -16.45
C PRO B 101 19.36 -10.53 -14.96
N PRO B 102 19.69 -9.46 -14.22
CA PRO B 102 19.60 -9.53 -12.76
C PRO B 102 18.15 -9.57 -12.32
N LEU B 103 17.94 -10.00 -11.08
CA LEU B 103 16.59 -10.08 -10.52
C LEU B 103 16.70 -9.83 -9.03
N ILE B 104 15.97 -8.84 -8.52
CA ILE B 104 16.04 -8.47 -7.12
C ILE B 104 14.85 -9.06 -6.39
N PHE B 105 15.11 -9.83 -5.32
CA PHE B 105 14.08 -10.20 -4.36
C PHE B 105 14.27 -9.34 -3.13
N GLU B 106 13.41 -8.35 -2.93
CA GLU B 106 13.45 -7.60 -1.69
C GLU B 106 12.74 -8.38 -0.57
N CYS B 107 12.99 -7.96 0.66
CA CYS B 107 12.26 -8.53 1.78
C CYS B 107 10.78 -8.14 1.72
N ASN B 108 9.96 -8.86 2.49
CA ASN B 108 8.52 -8.72 2.31
C ASN B 108 7.82 -8.95 3.66
N GLN B 109 6.50 -8.94 3.62
CA GLN B 109 5.70 -9.01 4.84
C GLN B 109 5.75 -10.39 5.50
N ALA B 110 6.27 -11.41 4.83
CA ALA B 110 6.47 -12.71 5.45
C ALA B 110 7.82 -12.83 6.16
N CYS B 111 8.80 -12.01 5.80
CA CYS B 111 10.12 -12.07 6.45
C CYS B 111 10.01 -11.72 7.93
N SER B 112 10.93 -12.27 8.70
CA SER B 112 10.99 -11.96 10.12
C SER B 112 11.57 -10.57 10.39
N CYS B 113 12.18 -9.95 9.39
CA CYS B 113 12.93 -8.72 9.60
C CYS B 113 11.99 -7.51 9.70
N TRP B 114 12.59 -6.37 10.00
CA TRP B 114 11.88 -5.11 10.16
C TRP B 114 11.70 -4.41 8.83
N ARG B 115 10.74 -3.49 8.80
CA ARG B 115 10.43 -2.76 7.58
C ARG B 115 11.60 -1.90 7.10
N ASN B 116 12.56 -1.59 7.97
CA ASN B 116 13.70 -0.78 7.59
C ASN B 116 14.98 -1.58 7.43
N CYS B 117 14.87 -2.88 7.12
CA CYS B 117 16.06 -3.66 6.83
C CYS B 117 16.72 -3.16 5.53
N LYS B 118 17.92 -3.68 5.26
CA LYS B 118 18.75 -3.23 4.15
C LYS B 118 18.29 -3.73 2.78
N ASN B 119 17.24 -4.53 2.72
CA ASN B 119 16.80 -5.11 1.46
C ASN B 119 15.41 -4.62 1.10
N ARG B 120 15.21 -3.27 1.15
CA ARG B 120 13.88 -2.67 1.00
C ARG B 120 13.91 -1.41 0.14
N VAL B 121 14.87 -1.30 -0.78
CA VAL B 121 15.10 -0.03 -1.46
C VAL B 121 13.93 0.34 -2.36
N VAL B 122 13.54 -0.56 -3.28
CA VAL B 122 12.53 -0.17 -4.26
C VAL B 122 11.18 0.03 -3.59
N GLN B 123 10.86 -0.79 -2.59
CA GLN B 123 9.55 -0.66 -1.96
C GLN B 123 9.44 0.58 -1.09
N SER B 124 10.56 1.27 -0.83
CA SER B 124 10.54 2.51 -0.06
C SER B 124 10.32 3.74 -0.92
N GLY B 125 10.38 3.61 -2.25
CA GLY B 125 9.90 4.66 -3.13
C GLY B 125 10.95 5.68 -3.52
N ILE B 126 10.47 6.70 -4.23
CA ILE B 126 11.34 7.73 -4.81
C ILE B 126 11.98 8.55 -3.71
N LYS B 127 13.30 8.75 -3.81
CA LYS B 127 14.01 9.62 -2.90
C LYS B 127 14.71 10.78 -3.57
N VAL B 128 14.96 10.71 -4.87
CA VAL B 128 15.70 11.78 -5.54
C VAL B 128 14.70 12.80 -6.07
N ARG B 129 15.16 14.02 -6.25
CA ARG B 129 14.35 15.10 -6.80
C ARG B 129 14.40 15.05 -8.32
N LEU B 130 13.26 14.80 -8.94
CA LEU B 130 13.12 14.72 -10.39
C LEU B 130 12.28 15.87 -10.89
N GLN B 131 12.36 16.13 -12.19
CA GLN B 131 11.55 17.17 -12.81
C GLN B 131 11.11 16.71 -14.19
N LEU B 132 9.81 16.87 -14.47
CA LEU B 132 9.28 16.70 -15.82
C LEU B 132 9.50 18.00 -16.57
N TYR B 133 10.18 17.94 -17.70
CA TYR B 133 10.52 19.18 -18.41
C TYR B 133 10.41 18.96 -19.91
N ARG B 134 10.31 20.06 -20.64
CA ARG B 134 10.16 20.01 -22.09
C ARG B 134 11.55 19.98 -22.73
N THR B 135 11.85 18.90 -23.46
CA THR B 135 13.11 18.78 -24.17
C THR B 135 13.08 19.59 -25.46
N ALA B 136 14.25 19.74 -26.09
CA ALA B 136 14.32 20.49 -27.34
C ALA B 136 13.68 19.71 -28.49
N LYS B 137 13.86 18.39 -28.52
CA LYS B 137 13.51 17.60 -29.71
C LYS B 137 12.66 16.37 -29.44
N MET B 138 12.56 15.90 -28.21
CA MET B 138 11.94 14.60 -27.94
C MET B 138 10.63 14.71 -27.19
N GLY B 139 10.02 15.89 -27.14
CA GLY B 139 8.82 16.06 -26.35
C GLY B 139 9.17 16.27 -24.90
N TRP B 140 8.36 15.72 -24.00
CA TRP B 140 8.65 15.80 -22.57
C TRP B 140 9.77 14.82 -22.21
N GLY B 141 10.50 15.16 -21.16
CA GLY B 141 11.52 14.28 -20.63
C GLY B 141 11.61 14.46 -19.14
N VAL B 142 12.48 13.67 -18.52
CA VAL B 142 12.67 13.72 -17.07
C VAL B 142 14.14 14.02 -16.80
N ARG B 143 14.40 14.93 -15.85
CA ARG B 143 15.79 15.22 -15.49
C ARG B 143 15.95 15.29 -13.97
N ALA B 144 17.20 15.16 -13.54
CA ALA B 144 17.55 15.22 -12.13
C ALA B 144 17.69 16.67 -11.67
N LEU B 145 17.18 16.96 -10.46
CA LEU B 145 17.40 18.26 -9.84
C LEU B 145 18.47 18.20 -8.75
N GLN B 146 19.28 17.15 -8.74
CA GLN B 146 20.32 16.94 -7.74
C GLN B 146 21.35 16.01 -8.36
N THR B 147 22.51 15.95 -7.73
CA THR B 147 23.47 14.93 -8.10
C THR B 147 22.98 13.57 -7.59
N ILE B 148 23.22 12.53 -8.38
CA ILE B 148 22.76 11.18 -8.06
C ILE B 148 23.91 10.20 -8.24
N PRO B 149 24.38 9.56 -7.17
CA PRO B 149 25.46 8.60 -7.29
C PRO B 149 25.04 7.39 -8.10
N GLN B 150 26.05 6.75 -8.69
CA GLN B 150 25.85 5.47 -9.37
C GLN B 150 25.17 4.47 -8.45
N GLY B 151 24.20 3.75 -9.00
CA GLY B 151 23.53 2.68 -8.26
C GLY B 151 22.31 3.11 -7.47
N THR B 152 21.92 4.38 -7.53
CA THR B 152 20.80 4.88 -6.74
C THR B 152 19.47 4.55 -7.40
N PHE B 153 18.50 4.11 -6.58
CA PHE B 153 17.15 3.95 -7.09
C PHE B 153 16.58 5.29 -7.52
N ILE B 154 15.98 5.32 -8.72
CA ILE B 154 15.41 6.53 -9.31
C ILE B 154 13.89 6.51 -9.22
N CYS B 155 13.25 5.55 -9.90
CA CYS B 155 11.80 5.42 -9.94
C CYS B 155 11.45 4.08 -10.55
N GLU B 156 10.18 3.73 -10.45
CA GLU B 156 9.64 2.49 -10.99
C GLU B 156 8.91 2.76 -12.30
N TYR B 157 8.97 1.81 -13.24
CA TYR B 157 8.15 1.92 -14.44
C TYR B 157 6.74 1.42 -14.10
N VAL B 158 5.80 2.35 -13.96
CA VAL B 158 4.45 2.03 -13.47
C VAL B 158 3.45 2.24 -14.59
N GLY B 159 2.49 1.34 -14.70
CA GLY B 159 1.46 1.48 -15.72
C GLY B 159 0.36 0.45 -15.60
N GLU B 160 -0.29 0.14 -16.72
CA GLU B 160 -1.40 -0.79 -16.77
C GLU B 160 -0.88 -2.18 -17.13
N LEU B 161 -1.16 -3.18 -16.28
CA LEU B 161 -0.75 -4.54 -16.57
C LEU B 161 -1.63 -5.14 -17.65
N ILE B 162 -1.02 -5.66 -18.71
CA ILE B 162 -1.76 -6.26 -19.82
C ILE B 162 -1.01 -7.49 -20.32
N SER B 163 -1.75 -8.38 -20.97
CA SER B 163 -1.16 -9.56 -21.57
C SER B 163 -0.38 -9.18 -22.82
N ASP B 164 0.51 -10.08 -23.25
CA ASP B 164 1.24 -9.86 -24.49
C ASP B 164 0.27 -9.80 -25.68
N ALA B 165 -0.77 -10.64 -25.65
CA ALA B 165 -1.77 -10.61 -26.70
C ALA B 165 -2.48 -9.26 -26.77
N GLU B 166 -2.78 -8.68 -25.59
CA GLU B 166 -3.37 -7.36 -25.58
C GLU B 166 -2.37 -6.30 -26.04
N ALA B 167 -1.11 -6.43 -25.63
CA ALA B 167 -0.11 -5.46 -26.07
C ALA B 167 0.06 -5.48 -27.58
N ASP B 168 -0.05 -6.67 -28.18
CA ASP B 168 0.13 -6.79 -29.62
C ASP B 168 -0.91 -6.00 -30.40
N VAL B 169 -2.11 -5.81 -29.85
CA VAL B 169 -3.19 -5.18 -30.61
C VAL B 169 -3.38 -3.71 -30.27
N ARG B 170 -2.62 -3.16 -29.34
CA ARG B 170 -2.82 -1.77 -28.98
C ARG B 170 -2.12 -0.85 -29.96
N GLU B 171 -2.84 0.22 -30.35
CA GLU B 171 -2.37 1.09 -31.42
C GLU B 171 -1.18 1.93 -31.00
N ASP B 172 -1.25 2.55 -29.82
CA ASP B 172 -0.20 3.46 -29.36
C ASP B 172 0.74 2.68 -28.48
N ASP B 173 1.86 2.24 -29.06
CA ASP B 173 2.83 1.40 -28.38
C ASP B 173 4.03 2.18 -27.86
N SER B 174 3.93 3.52 -27.76
CA SER B 174 5.05 4.35 -27.36
C SER B 174 5.36 4.25 -25.87
N TYR B 175 4.55 3.57 -25.09
CA TYR B 175 4.74 3.47 -23.65
C TYR B 175 4.66 2.02 -23.19
N LEU B 176 4.87 1.07 -24.09
CA LEU B 176 4.75 -0.36 -23.80
C LEU B 176 6.08 -0.91 -23.30
N PHE B 177 6.07 -1.49 -22.10
CA PHE B 177 7.25 -2.13 -21.54
C PHE B 177 6.99 -3.63 -21.42
N ASP B 178 7.76 -4.42 -22.15
CA ASP B 178 7.61 -5.87 -22.17
C ASP B 178 8.38 -6.45 -20.98
N LEU B 179 7.69 -7.22 -20.13
CA LEU B 179 8.37 -7.81 -18.99
C LEU B 179 9.23 -9.00 -19.39
N ASP B 180 9.02 -9.56 -20.59
CA ASP B 180 9.88 -10.62 -21.15
C ASP B 180 9.96 -11.84 -20.24
N ASN B 181 8.81 -12.33 -19.79
CA ASN B 181 8.76 -13.51 -18.93
C ASN B 181 9.31 -14.73 -19.66
N LYS B 182 10.15 -15.50 -18.97
CA LYS B 182 10.76 -16.67 -19.58
C LYS B 182 10.12 -17.99 -19.15
N ASP B 183 9.49 -18.03 -17.98
CA ASP B 183 8.77 -19.21 -17.50
C ASP B 183 7.31 -18.81 -17.27
N GLY B 184 6.47 -19.10 -18.25
CA GLY B 184 5.06 -18.74 -18.21
C GLY B 184 4.71 -17.76 -19.31
N GLU B 185 3.48 -17.26 -19.25
CA GLU B 185 3.00 -16.34 -20.27
C GLU B 185 3.61 -14.95 -20.06
N VAL B 186 3.68 -14.19 -21.15
CA VAL B 186 4.37 -12.91 -21.17
C VAL B 186 3.38 -11.78 -20.93
N TYR B 187 3.75 -10.85 -20.04
CA TYR B 187 2.93 -9.69 -19.73
C TYR B 187 3.71 -8.41 -19.97
N CYS B 188 2.98 -7.31 -19.99
CA CYS B 188 3.50 -6.00 -20.33
C CYS B 188 2.95 -4.96 -19.39
N ILE B 189 3.70 -3.86 -19.22
CA ILE B 189 3.22 -2.68 -18.55
C ILE B 189 3.00 -1.62 -19.62
N ASP B 190 1.74 -1.24 -19.84
CA ASP B 190 1.41 -0.19 -20.79
C ASP B 190 1.17 1.10 -20.01
N ALA B 191 2.05 2.09 -20.18
CA ALA B 191 1.90 3.35 -19.48
C ALA B 191 1.23 4.42 -20.33
N ARG B 192 0.55 4.02 -21.41
CA ARG B 192 -0.06 5.03 -22.29
C ARG B 192 -1.21 5.75 -21.59
N TYR B 193 -2.12 5.00 -20.96
CA TYR B 193 -3.32 5.61 -20.42
C TYR B 193 -3.24 5.81 -18.91
N TYR B 194 -2.50 4.94 -18.24
CA TYR B 194 -2.18 5.05 -16.82
C TYR B 194 -0.68 4.88 -16.68
N GLY B 195 -0.01 5.82 -16.02
CA GLY B 195 1.43 5.67 -15.84
C GLY B 195 1.93 6.63 -14.79
N ASN B 196 3.21 6.48 -14.44
CA ASN B 196 3.84 7.43 -13.53
C ASN B 196 4.90 8.23 -14.28
N ILE B 197 5.81 8.85 -13.53
CA ILE B 197 6.83 9.72 -14.12
C ILE B 197 7.67 8.98 -15.15
N SER B 198 7.83 7.66 -15.01
CA SER B 198 8.70 6.91 -15.90
CA SER B 198 8.70 6.90 -15.91
C SER B 198 8.22 6.92 -17.35
N ARG B 199 6.93 7.16 -17.59
CA ARG B 199 6.43 7.13 -18.96
C ARG B 199 7.06 8.24 -19.79
N PHE B 200 7.62 9.25 -19.14
CA PHE B 200 8.22 10.39 -19.82
C PHE B 200 9.72 10.27 -19.99
N ILE B 201 10.35 9.19 -19.53
CA ILE B 201 11.79 9.02 -19.68
C ILE B 201 12.08 8.58 -21.11
N ASN B 202 12.95 9.32 -21.79
CA ASN B 202 13.26 9.09 -23.19
C ASN B 202 14.36 8.03 -23.33
N HIS B 203 14.51 7.55 -24.57
CA HIS B 203 15.61 6.67 -24.94
C HIS B 203 16.88 7.49 -25.12
N LEU B 204 17.98 6.99 -24.56
CA LEU B 204 19.28 7.60 -24.79
C LEU B 204 20.23 6.50 -25.25
N CYS B 205 20.98 6.75 -26.32
CA CYS B 205 22.02 5.82 -26.72
C CYS B 205 23.21 5.86 -25.78
N ASP B 206 23.36 6.94 -25.02
CA ASP B 206 24.34 7.05 -23.94
C ASP B 206 23.56 7.09 -22.62
N PRO B 207 22.99 5.98 -22.19
CA PRO B 207 22.01 6.03 -21.09
C PRO B 207 22.69 6.17 -19.73
N ASN B 208 21.92 6.68 -18.77
CA ASN B 208 22.44 6.81 -17.41
C ASN B 208 21.59 6.10 -16.36
N ILE B 209 20.54 5.40 -16.76
CA ILE B 209 19.78 4.54 -15.85
C ILE B 209 19.55 3.20 -16.53
N ILE B 210 19.29 2.18 -15.71
CA ILE B 210 19.01 0.83 -16.22
C ILE B 210 17.77 0.26 -15.52
N PRO B 211 16.94 -0.47 -16.24
CA PRO B 211 15.81 -1.17 -15.60
C PRO B 211 16.26 -2.50 -15.01
N VAL B 212 15.67 -2.83 -13.86
CA VAL B 212 15.96 -4.08 -13.16
C VAL B 212 14.65 -4.66 -12.65
N ARG B 213 14.42 -5.96 -12.91
CA ARG B 213 13.22 -6.61 -12.39
C ARG B 213 13.34 -6.87 -10.89
N VAL B 214 12.24 -6.68 -10.17
CA VAL B 214 12.23 -6.73 -8.71
C VAL B 214 10.95 -7.39 -8.22
N PHE B 215 11.05 -8.18 -7.16
CA PHE B 215 9.88 -8.65 -6.44
C PHE B 215 9.88 -8.08 -5.03
N MET B 216 8.71 -7.66 -4.56
CA MET B 216 8.57 -7.06 -3.25
C MET B 216 7.45 -7.72 -2.47
N LEU B 217 6.24 -7.18 -2.52
CA LEU B 217 5.18 -7.68 -1.65
C LEU B 217 4.41 -8.85 -2.26
N HIS B 218 4.80 -9.32 -3.44
CA HIS B 218 4.27 -10.54 -4.01
C HIS B 218 5.39 -11.18 -4.81
N GLN B 219 5.23 -12.46 -5.11
CA GLN B 219 6.21 -13.15 -5.94
C GLN B 219 5.51 -13.88 -7.08
N ASP B 220 4.50 -13.22 -7.63
CA ASP B 220 3.79 -13.69 -8.82
C ASP B 220 4.69 -13.47 -10.01
N LEU B 221 5.19 -14.57 -10.59
CA LEU B 221 6.22 -14.46 -11.60
C LEU B 221 5.73 -13.85 -12.91
N ARG B 222 4.41 -13.72 -13.09
CA ARG B 222 3.91 -12.98 -14.24
C ARG B 222 4.35 -11.52 -14.20
N PHE B 223 4.59 -10.97 -13.00
CA PHE B 223 4.61 -9.52 -12.82
C PHE B 223 5.81 -9.06 -11.99
N PRO B 224 7.04 -9.26 -12.49
CA PRO B 224 8.15 -8.48 -11.94
C PRO B 224 7.83 -7.00 -12.08
N ARG B 225 8.23 -6.23 -11.09
CA ARG B 225 8.14 -4.78 -11.16
C ARG B 225 9.46 -4.23 -11.67
N ILE B 226 9.41 -3.08 -12.35
CA ILE B 226 10.57 -2.56 -13.07
C ILE B 226 11.12 -1.36 -12.32
N ALA B 227 12.35 -1.48 -11.83
CA ALA B 227 13.01 -0.44 -11.05
C ALA B 227 14.16 0.14 -11.86
N PHE B 228 14.22 1.46 -11.98
CA PHE B 228 15.35 2.11 -12.63
C PHE B 228 16.37 2.51 -11.58
N PHE B 229 17.63 2.16 -11.83
CA PHE B 229 18.76 2.61 -11.04
C PHE B 229 19.73 3.35 -11.94
N SER B 230 20.42 4.35 -11.38
CA SER B 230 21.45 5.03 -12.15
C SER B 230 22.62 4.09 -12.42
N SER B 231 23.14 4.15 -13.64
CA SER B 231 24.27 3.31 -14.05
C SER B 231 25.60 4.04 -13.92
N ARG B 232 25.57 5.33 -13.60
CA ARG B 232 26.75 6.12 -13.33
C ARG B 232 26.33 7.29 -12.47
N ASP B 233 27.31 8.04 -11.97
CA ASP B 233 27.01 9.31 -11.33
C ASP B 233 26.29 10.23 -12.30
N ILE B 234 25.19 10.83 -11.85
CA ILE B 234 24.40 11.76 -12.64
C ILE B 234 24.53 13.16 -12.04
N ARG B 235 24.73 14.16 -12.90
CA ARG B 235 24.89 15.53 -12.45
C ARG B 235 23.55 16.25 -12.45
N THR B 236 23.45 17.30 -11.63
CA THR B 236 22.23 18.10 -11.59
C THR B 236 21.88 18.62 -12.98
N GLY B 237 20.61 18.49 -13.34
CA GLY B 237 20.11 18.97 -14.62
C GLY B 237 20.20 17.99 -15.76
N GLU B 238 20.92 16.88 -15.60
CA GLU B 238 21.03 15.88 -16.65
C GLU B 238 19.69 15.21 -16.92
N GLU B 239 19.36 15.08 -18.21
CA GLU B 239 18.22 14.26 -18.60
C GLU B 239 18.48 12.79 -18.28
N LEU B 240 17.49 12.14 -17.68
CA LEU B 240 17.53 10.70 -17.45
C LEU B 240 17.11 9.97 -18.71
N GLY B 241 17.77 8.86 -19.00
CA GLY B 241 17.37 8.05 -20.14
C GLY B 241 17.90 6.65 -20.02
N PHE B 242 17.19 5.71 -20.61
CA PHE B 242 17.64 4.32 -20.63
C PHE B 242 17.62 3.81 -22.07
N ASP B 243 18.23 2.65 -22.27
CA ASP B 243 18.24 2.00 -23.57
C ASP B 243 16.90 1.28 -23.77
N TYR B 244 16.06 1.83 -24.66
CA TYR B 244 14.77 1.19 -24.92
C TYR B 244 14.95 -0.20 -25.54
N GLY B 245 16.09 -0.43 -26.18
CA GLY B 245 16.39 -1.73 -26.74
C GLY B 245 16.16 -1.81 -28.24
N ASP B 246 16.83 -2.79 -28.86
CA ASP B 246 16.79 -2.93 -30.31
C ASP B 246 15.39 -3.26 -30.81
N ARG B 247 14.63 -4.05 -30.04
CA ARG B 247 13.30 -4.44 -30.48
C ARG B 247 12.41 -3.21 -30.68
N PHE B 248 12.42 -2.29 -29.71
CA PHE B 248 11.68 -1.04 -29.85
C PHE B 248 12.03 -0.34 -31.16
N TRP B 249 13.32 -0.17 -31.43
CA TRP B 249 13.72 0.61 -32.59
C TRP B 249 13.48 -0.13 -33.90
N ASP B 250 13.57 -1.47 -33.88
CA ASP B 250 13.26 -2.22 -35.08
C ASP B 250 11.84 -1.99 -35.56
N ILE B 251 10.94 -1.61 -34.66
CA ILE B 251 9.56 -1.34 -35.02
C ILE B 251 9.31 0.15 -35.23
N LYS B 252 9.88 1.00 -34.36
CA LYS B 252 9.52 2.42 -34.39
C LYS B 252 10.35 3.22 -35.39
N SER B 253 11.49 2.71 -35.86
CA SER B 253 12.32 3.50 -36.77
C SER B 253 11.63 3.74 -38.10
N LYS B 254 10.58 2.97 -38.41
CA LYS B 254 9.73 3.23 -39.57
C LYS B 254 8.96 4.54 -39.43
N TYR B 255 8.82 5.06 -38.21
CA TYR B 255 8.08 6.29 -37.96
C TYR B 255 8.95 7.46 -37.53
N PHE B 256 10.06 7.21 -36.84
CA PHE B 256 11.00 8.26 -36.45
C PHE B 256 12.31 7.60 -36.09
N THR B 257 13.39 8.35 -36.19
CA THR B 257 14.70 7.85 -35.83
C THR B 257 15.24 8.62 -34.63
N CYS B 258 16.34 8.14 -34.06
CA CYS B 258 16.77 8.63 -32.76
C CYS B 258 17.32 10.05 -32.85
N GLN B 259 16.89 10.90 -31.91
CA GLN B 259 17.38 12.27 -31.82
C GLN B 259 18.18 12.51 -30.56
N CYS B 260 18.74 11.47 -29.94
CA CYS B 260 19.49 11.69 -28.70
C CYS B 260 20.71 12.57 -28.95
N GLY B 261 21.17 12.68 -30.19
CA GLY B 261 22.24 13.59 -30.53
C GLY B 261 23.60 13.19 -30.04
N SER B 262 23.75 12.02 -29.44
CA SER B 262 25.05 11.61 -28.93
C SER B 262 25.96 11.18 -30.07
N GLU B 263 27.27 11.29 -29.83
CA GLU B 263 28.23 10.74 -30.77
C GLU B 263 28.17 9.22 -30.81
N LYS B 264 27.56 8.60 -29.82
CA LYS B 264 27.43 7.16 -29.75
C LYS B 264 26.13 6.64 -30.35
N CYS B 265 25.32 7.51 -30.97
CA CYS B 265 23.94 7.16 -31.30
C CYS B 265 23.87 5.98 -32.27
N LYS B 266 23.06 4.98 -31.92
CA LYS B 266 22.94 3.74 -32.69
C LYS B 266 21.62 3.61 -33.43
N HIS B 267 20.75 4.62 -33.37
CA HIS B 267 19.41 4.46 -33.93
C HIS B 267 19.00 5.68 -34.76
N SER B 268 19.97 6.48 -35.20
CA SER B 268 19.69 7.54 -36.16
C SER B 268 19.48 6.95 -37.54
N ALA B 269 18.95 7.77 -38.46
CA ALA B 269 18.82 7.32 -39.84
C ALA B 269 20.16 6.87 -40.37
N GLU B 270 21.22 7.62 -40.03
CA GLU B 270 22.55 7.30 -40.52
C GLU B 270 23.04 5.98 -39.93
N ALA B 271 22.81 5.77 -38.64
CA ALA B 271 23.24 4.52 -38.00
C ALA B 271 22.49 3.32 -38.56
N ILE B 272 21.19 3.49 -38.81
CA ILE B 272 20.39 2.39 -39.37
C ILE B 272 20.89 2.03 -40.77
N ALA B 273 21.14 3.05 -41.60
CA ALA B 273 21.66 2.80 -42.93
C ALA B 273 23.02 2.10 -42.87
N LEU B 274 23.87 2.51 -41.91
CA LEU B 274 25.19 1.92 -41.81
C LEU B 274 25.12 0.50 -41.26
N GLU B 275 24.15 0.22 -40.40
CA GLU B 275 23.96 -1.14 -39.92
C GLU B 275 23.40 -2.04 -41.02
N GLN B 276 22.59 -1.49 -41.92
CA GLN B 276 22.06 -2.29 -43.02
C GLN B 276 23.14 -2.63 -44.05
N SER B 277 24.11 -1.73 -44.25
CA SER B 277 25.22 -2.06 -45.12
C SER B 277 26.22 -2.98 -44.43
N ARG B 278 26.39 -2.84 -43.11
CA ARG B 278 27.25 -3.78 -42.38
C ARG B 278 26.67 -5.18 -42.35
N LEU B 279 25.34 -5.30 -42.46
CA LEU B 279 24.69 -6.60 -42.55
C LEU B 279 24.42 -6.97 -44.01
#